data_4IM7
#
_entry.id   4IM7
#
_cell.length_a   92.490
_cell.length_b   92.490
_cell.length_c   136.000
_cell.angle_alpha   90.000
_cell.angle_beta   90.000
_cell.angle_gamma   120.000
#
_symmetry.space_group_name_H-M   'P 31 2 1'
#
loop_
_entity.id
_entity.type
_entity.pdbx_description
1 polymer 'Hypothetical oxidoreductase ydfI'
2 non-polymer 'D-MANNONIC ACID'
3 non-polymer '1,4-DIHYDRONICOTINAMIDE ADENINE DINUCLEOTIDE'
4 non-polymer 'SULFATE ION'
5 water water
#
_entity_poly.entity_id   1
_entity_poly.type   'polypeptide(L)'
_entity_poly.pdbx_seq_one_letter_code
;MGSSHHHHHHSSGLVPRGSHMGNHLLSAKATLPVYDRNNLAPRIVHLGFGAFHRAHQGVYADILATEHFSDWGYYEVNLI
GGEQQIADLQQQDNLYTVAEMSADAWTARVVGVVKKALHVQIDGLETVLAAMCEPQIAIVSLTITEKGYFHSPATGQLML
DHPMVVADVQNPHQPKTATGVIVEALARRKAAGLPAFTVMSCDNMPENGHVMRDVVTSYAQAIDVKLAQWIEDNVTFPST
MVDRIVPAVTEDTLAKIEQLTGVRDAAGVACEPFRQWVIEDNFVAGRPEWEKAGAELVSDVLPYEEMKLRMLNGSHSFLA
YLGYLAGYQHINDCMEDEHYRHAAYTLMLQEQAPTLKVQGVDLQDYANRLIERYSNPALRHRTWQIAMDGSQKLPQRMLD
SVRWHLAHDSKFDLLALGVAGWMRYVGGVDEQGNPIEISDPLLPVIQKAVQSSAEGTARVQSLLAIKAIFGDDLPGNSLF
TTKVTEAYLSLLAHGAKATVAKYSVK
;
_entity_poly.pdbx_strand_id   A
#
loop_
_chem_comp.id
_chem_comp.type
_chem_comp.name
_chem_comp.formula
CS2 non-polymer 'D-MANNONIC ACID' 'C6 H12 O7'
NAI non-polymer '1,4-DIHYDRONICOTINAMIDE ADENINE DINUCLEOTIDE' 'C21 H29 N7 O14 P2'
SO4 non-polymer 'SULFATE ION' 'O4 S -2'
#
# COMPACT_ATOMS: atom_id res chain seq x y z
N HIS A 24 27.59 14.53 -0.88
CA HIS A 24 27.70 14.25 -2.30
C HIS A 24 26.41 14.55 -3.06
N LEU A 25 25.27 14.45 -2.36
CA LEU A 25 23.98 14.62 -3.01
C LEU A 25 23.72 16.03 -3.56
N LEU A 26 24.36 17.04 -2.97
CA LEU A 26 24.12 18.41 -3.42
C LEU A 26 24.84 18.73 -4.74
N SER A 27 25.61 17.78 -5.25
CA SER A 27 26.24 17.95 -6.55
C SER A 27 25.46 17.21 -7.65
N ALA A 28 24.32 16.62 -7.27
CA ALA A 28 23.49 15.90 -8.22
C ALA A 28 22.87 16.81 -9.28
N LYS A 29 22.68 16.28 -10.48
CA LYS A 29 21.87 16.95 -11.49
C LYS A 29 20.39 16.72 -11.17
N ALA A 30 19.86 17.59 -10.33
CA ALA A 30 18.53 17.43 -9.79
C ALA A 30 18.17 18.74 -9.13
N THR A 31 16.89 18.95 -8.87
CA THR A 31 16.51 20.10 -8.07
C THR A 31 16.89 19.77 -6.63
N LEU A 32 17.34 20.78 -5.89
CA LEU A 32 17.93 20.56 -4.58
C LEU A 32 17.15 21.40 -3.58
N PRO A 33 17.29 21.11 -2.27
CA PRO A 33 16.55 21.92 -1.29
C PRO A 33 17.13 23.32 -1.20
N VAL A 34 16.42 24.32 -1.74
CA VAL A 34 16.89 25.70 -1.69
C VAL A 34 16.31 26.44 -0.50
N TYR A 35 15.30 25.85 0.13
CA TYR A 35 14.77 26.42 1.35
C TYR A 35 15.71 26.10 2.50
N ASP A 36 15.51 26.81 3.62
CA ASP A 36 16.31 26.63 4.83
C ASP A 36 15.81 25.40 5.57
N ARG A 37 16.59 24.31 5.54
CA ARG A 37 16.16 23.08 6.17
C ARG A 37 16.08 23.20 7.69
N ASN A 38 16.96 24.02 8.28
CA ASN A 38 16.97 24.19 9.73
C ASN A 38 15.70 24.86 10.25
N ASN A 39 15.04 25.61 9.37
CA ASN A 39 13.81 26.29 9.73
C ASN A 39 12.59 25.38 9.74
N LEU A 40 12.70 24.20 9.12
CA LEU A 40 11.66 23.20 9.22
C LEU A 40 11.61 22.67 10.63
N ALA A 41 10.40 22.52 11.17
CA ALA A 41 10.24 21.89 12.47
C ALA A 41 9.76 20.47 12.22
N PRO A 42 10.17 19.54 13.07
CA PRO A 42 9.62 18.18 12.93
C PRO A 42 8.21 18.13 13.51
N ARG A 43 7.21 18.20 12.63
CA ARG A 43 5.81 18.27 13.06
C ARG A 43 5.03 17.02 12.71
N ILE A 44 5.64 16.11 11.93
CA ILE A 44 5.00 14.86 11.58
C ILE A 44 5.97 13.72 11.82
N VAL A 45 5.48 12.66 12.45
CA VAL A 45 6.25 11.42 12.57
C VAL A 45 5.66 10.44 11.58
N HIS A 46 6.50 9.94 10.68
CA HIS A 46 6.03 8.93 9.75
C HIS A 46 6.54 7.56 10.11
N LEU A 47 5.63 6.59 10.19
CA LEU A 47 6.00 5.19 10.45
C LEU A 47 6.01 4.40 9.14
N GLY A 48 7.13 3.77 8.83
CA GLY A 48 7.24 3.02 7.58
C GLY A 48 7.92 3.82 6.50
N PHE A 49 9.19 4.13 6.71
CA PHE A 49 9.99 4.87 5.74
C PHE A 49 10.40 3.96 4.59
N GLY A 50 9.49 3.75 3.65
CA GLY A 50 9.74 2.86 2.53
C GLY A 50 9.90 3.65 1.25
N ALA A 51 9.94 2.94 0.12
CA ALA A 51 10.11 3.60 -1.16
C ALA A 51 8.94 4.52 -1.48
N PHE A 52 7.73 4.08 -1.17
CA PHE A 52 6.55 4.86 -1.54
C PHE A 52 6.48 6.20 -0.80
N HIS A 53 6.60 6.16 0.52
CA HIS A 53 6.61 7.40 1.30
C HIS A 53 7.65 8.37 0.77
N ARG A 54 8.84 7.87 0.45
CA ARG A 54 9.90 8.72 -0.07
C ARG A 54 9.48 9.44 -1.35
N ALA A 55 8.84 8.70 -2.25
CA ALA A 55 8.50 9.21 -3.58
C ALA A 55 7.16 9.93 -3.62
N HIS A 56 6.38 9.80 -2.56
CA HIS A 56 5.03 10.36 -2.55
C HIS A 56 4.89 11.48 -1.51
N GLN A 57 4.52 11.14 -0.27
CA GLN A 57 4.30 12.16 0.76
C GLN A 57 5.52 13.03 0.99
N GLY A 58 6.71 12.44 0.92
CA GLY A 58 7.92 13.21 1.12
C GLY A 58 8.06 14.28 0.05
N VAL A 59 7.64 13.94 -1.16
CA VAL A 59 7.69 14.90 -2.26
C VAL A 59 6.64 16.03 -2.08
N TYR A 60 5.43 15.69 -1.67
CA TYR A 60 4.46 16.75 -1.37
C TYR A 60 4.99 17.72 -0.32
N ALA A 61 5.62 17.18 0.72
CA ALA A 61 6.13 18.05 1.79
C ALA A 61 7.25 18.94 1.27
N ASP A 62 8.04 18.40 0.35
CA ASP A 62 9.19 19.14 -0.17
C ASP A 62 8.73 20.26 -1.08
N ILE A 63 7.69 20.01 -1.85
CA ILE A 63 7.08 21.06 -2.66
C ILE A 63 6.58 22.19 -1.76
N LEU A 64 5.94 21.84 -0.65
CA LEU A 64 5.41 22.88 0.25
C LEU A 64 6.52 23.71 0.90
N ALA A 65 7.59 23.03 1.31
CA ALA A 65 8.73 23.70 1.93
C ALA A 65 9.45 24.60 0.92
N THR A 66 9.37 24.23 -0.36
CA THR A 66 10.06 24.95 -1.41
C THR A 66 9.26 26.14 -1.90
N GLU A 67 7.96 25.94 -2.09
CA GLU A 67 7.15 26.91 -2.82
C GLU A 67 6.15 27.69 -1.98
N HIS A 68 5.80 27.17 -0.81
CA HIS A 68 4.66 27.73 -0.07
C HIS A 68 4.96 28.01 1.39
N PHE A 69 6.23 28.23 1.70
CA PHE A 69 6.65 28.68 3.04
C PHE A 69 6.28 27.71 4.14
N SER A 70 6.25 26.41 3.82
CA SER A 70 5.91 25.42 4.84
C SER A 70 7.07 25.13 5.77
N ASP A 71 6.79 24.99 7.06
CA ASP A 71 7.85 24.57 7.98
C ASP A 71 7.59 23.16 8.52
N TRP A 72 6.76 22.41 7.81
CA TRP A 72 6.43 21.05 8.22
C TRP A 72 7.51 20.08 7.74
N GLY A 73 8.32 19.61 8.69
CA GLY A 73 9.32 18.59 8.42
C GLY A 73 8.95 17.28 9.10
N TYR A 74 9.72 16.23 8.81
CA TYR A 74 9.38 14.88 9.26
C TYR A 74 10.42 14.28 10.19
N TYR A 75 9.96 13.49 11.16
CA TYR A 75 10.76 12.44 11.76
C TYR A 75 10.37 11.16 11.04
N GLU A 76 11.37 10.46 10.47
CA GLU A 76 11.11 9.18 9.78
C GLU A 76 11.49 8.03 10.71
N VAL A 77 10.57 7.10 10.88
CA VAL A 77 10.77 6.00 11.83
C VAL A 77 10.46 4.64 11.22
N ASN A 78 11.40 3.70 11.32
CA ASN A 78 11.08 2.30 11.04
C ASN A 78 11.04 1.49 12.32
N LEU A 79 10.03 0.63 12.44
CA LEU A 79 9.81 -0.16 13.65
C LEU A 79 10.16 -1.62 13.39
N ILE A 80 9.86 -2.07 12.18
CA ILE A 80 10.05 -3.47 11.76
C ILE A 80 10.61 -3.50 10.35
N GLY A 81 11.83 -4.02 10.19
CA GLY A 81 12.49 -4.01 8.90
C GLY A 81 12.91 -2.60 8.51
N GLY A 82 13.46 -2.43 7.31
CA GLY A 82 13.80 -1.11 6.84
C GLY A 82 14.95 -0.45 7.59
N GLU A 83 15.81 -1.28 8.18
CA GLU A 83 16.97 -0.78 8.88
C GLU A 83 17.95 -0.07 7.93
N GLN A 84 18.05 -0.60 6.71
CA GLN A 84 19.02 -0.10 5.74
C GLN A 84 18.73 1.33 5.28
N GLN A 85 17.46 1.63 4.96
CA GLN A 85 17.06 2.97 4.52
C GLN A 85 17.44 4.02 5.56
N ILE A 86 17.16 3.70 6.81
CA ILE A 86 17.39 4.64 7.91
C ILE A 86 18.88 4.90 8.06
N ALA A 87 19.69 3.85 8.05
CA ALA A 87 21.15 4.00 8.16
C ALA A 87 21.71 4.82 6.99
N ASP A 88 21.23 4.56 5.78
CA ASP A 88 21.64 5.30 4.60
C ASP A 88 21.47 6.81 4.74
N LEU A 89 20.33 7.22 5.24
CA LEU A 89 20.06 8.62 5.46
C LEU A 89 21.00 9.26 6.47
N GLN A 90 21.29 8.52 7.52
CA GLN A 90 21.97 9.04 8.67
C GLN A 90 23.37 9.51 8.31
N GLN A 91 23.92 9.07 7.20
CA GLN A 91 25.26 9.46 6.76
C GLN A 91 25.27 10.38 5.53
N GLN A 92 24.10 10.85 5.10
CA GLN A 92 24.03 11.87 4.06
C GLN A 92 23.09 13.01 4.44
N ASP A 93 23.11 13.36 5.73
CA ASP A 93 22.35 14.48 6.28
C ASP A 93 20.84 14.35 6.02
N ASN A 94 20.36 13.12 6.05
CA ASN A 94 18.93 12.80 5.87
C ASN A 94 18.35 13.18 4.50
N LEU A 95 19.22 13.47 3.54
CA LEU A 95 18.78 13.75 2.17
C LEU A 95 18.55 12.45 1.39
N TYR A 96 17.64 12.48 0.41
CA TYR A 96 17.47 11.34 -0.50
C TYR A 96 16.98 11.81 -1.87
N THR A 97 17.14 10.97 -2.89
CA THR A 97 16.81 11.35 -4.27
C THR A 97 15.54 10.65 -4.76
N VAL A 98 14.67 11.40 -5.44
CA VAL A 98 13.52 10.80 -6.11
C VAL A 98 13.64 11.10 -7.61
N ALA A 99 13.63 10.06 -8.43
CA ALA A 99 13.74 10.23 -9.88
C ALA A 99 12.45 9.79 -10.54
N GLU A 100 11.75 10.73 -11.18
CA GLU A 100 10.56 10.42 -11.97
C GLU A 100 11.00 9.99 -13.36
N MET A 101 10.46 8.87 -13.84
CA MET A 101 10.85 8.34 -15.14
C MET A 101 9.63 7.92 -15.94
N SER A 102 9.61 8.26 -17.21
CA SER A 102 8.61 7.75 -18.13
C SER A 102 9.22 7.72 -19.52
N ALA A 103 8.40 7.45 -20.53
CA ALA A 103 8.89 7.47 -21.91
C ALA A 103 9.28 8.89 -22.34
N ASP A 104 8.54 9.90 -21.88
CA ASP A 104 8.75 11.27 -22.32
C ASP A 104 9.90 12.01 -21.65
N ALA A 105 10.09 11.78 -20.35
CA ALA A 105 11.05 12.54 -19.59
C ALA A 105 11.52 11.82 -18.34
N TRP A 106 12.64 12.29 -17.81
CA TRP A 106 13.00 11.97 -16.44
C TRP A 106 13.29 13.30 -15.73
N THR A 107 13.03 13.37 -14.43
CA THR A 107 13.41 14.53 -13.60
C THR A 107 13.86 13.96 -12.27
N ALA A 108 14.76 14.65 -11.58
CA ALA A 108 15.16 14.18 -10.25
C ALA A 108 15.04 15.30 -9.24
N ARG A 109 14.76 14.94 -7.99
CA ARG A 109 14.65 15.90 -6.90
C ARG A 109 15.36 15.34 -5.69
N VAL A 110 16.23 16.13 -5.07
CA VAL A 110 16.78 15.77 -3.77
C VAL A 110 15.88 16.37 -2.68
N VAL A 111 15.26 15.49 -1.89
CA VAL A 111 14.26 15.90 -0.91
C VAL A 111 14.94 16.25 0.43
N GLY A 112 14.52 17.35 1.06
CA GLY A 112 15.19 17.80 2.28
C GLY A 112 14.32 17.94 3.53
N VAL A 113 13.12 17.36 3.52
CA VAL A 113 12.17 17.54 4.63
C VAL A 113 12.40 16.66 5.87
N VAL A 114 13.30 15.69 5.78
CA VAL A 114 13.52 14.80 6.92
C VAL A 114 14.46 15.47 7.91
N LYS A 115 13.99 15.63 9.15
CA LYS A 115 14.77 16.25 10.22
C LYS A 115 15.61 15.20 10.93
N LYS A 116 15.05 14.01 11.10
CA LYS A 116 15.77 12.90 11.71
C LYS A 116 15.18 11.58 11.24
N ALA A 117 16.01 10.57 11.09
CA ALA A 117 15.59 9.23 10.73
C ALA A 117 16.00 8.26 11.81
N LEU A 118 15.04 7.55 12.37
CA LEU A 118 15.23 6.66 13.49
C LEU A 118 14.83 5.21 13.21
N HIS A 119 15.49 4.28 13.89
CA HIS A 119 15.11 2.89 13.86
C HIS A 119 15.16 2.31 15.27
N VAL A 120 14.13 1.60 15.67
CA VAL A 120 14.10 1.05 17.03
C VAL A 120 15.32 0.18 17.31
N GLN A 121 15.88 -0.43 16.26
CA GLN A 121 17.03 -1.33 16.41
C GLN A 121 18.36 -0.57 16.44
N ILE A 122 18.31 0.72 16.16
CA ILE A 122 19.52 1.55 16.16
C ILE A 122 19.47 2.59 17.28
N ASP A 123 18.44 3.42 17.24
CA ASP A 123 18.28 4.53 18.18
C ASP A 123 17.56 4.09 19.45
N GLY A 124 16.85 2.97 19.35
CA GLY A 124 16.12 2.42 20.48
C GLY A 124 14.68 2.91 20.55
N LEU A 125 13.83 2.12 21.19
CA LEU A 125 12.42 2.43 21.32
C LEU A 125 12.13 3.69 22.13
N GLU A 126 12.90 3.89 23.20
CA GLU A 126 12.73 5.08 24.05
C GLU A 126 12.93 6.38 23.31
N THR A 127 13.95 6.42 22.45
CA THR A 127 14.23 7.59 21.61
C THR A 127 13.08 7.84 20.63
N VAL A 128 12.53 6.75 20.10
CA VAL A 128 11.41 6.87 19.17
C VAL A 128 10.20 7.43 19.89
N LEU A 129 9.86 6.86 21.05
CA LEU A 129 8.71 7.33 21.82
C LEU A 129 8.89 8.78 22.26
N ALA A 130 10.11 9.14 22.63
CA ALA A 130 10.40 10.51 23.04
C ALA A 130 10.15 11.49 21.89
N ALA A 131 10.55 11.09 20.69
CA ALA A 131 10.34 11.93 19.51
C ALA A 131 8.85 12.14 19.27
N MET A 132 8.08 11.07 19.43
CA MET A 132 6.63 11.12 19.21
C MET A 132 5.91 11.93 20.30
N CYS A 133 6.59 12.17 21.41
CA CYS A 133 5.99 12.91 22.53
C CYS A 133 6.40 14.38 22.58
N GLU A 134 7.19 14.83 21.61
CA GLU A 134 7.51 16.26 21.53
C GLU A 134 6.22 17.03 21.25
N PRO A 135 6.08 18.23 21.83
CA PRO A 135 4.80 18.94 21.82
C PRO A 135 4.30 19.27 20.41
N GLN A 136 5.23 19.57 19.50
CA GLN A 136 4.86 20.02 18.16
C GLN A 136 4.52 18.89 17.18
N ILE A 137 4.58 17.63 17.62
CA ILE A 137 4.14 16.54 16.74
C ILE A 137 2.63 16.63 16.62
N ALA A 138 2.16 16.91 15.41
CA ALA A 138 0.74 17.15 15.15
C ALA A 138 0.07 15.96 14.47
N ILE A 139 0.88 15.19 13.74
CA ILE A 139 0.37 14.08 12.93
C ILE A 139 1.35 12.92 13.02
N VAL A 140 0.81 11.70 13.11
CA VAL A 140 1.60 10.49 12.87
C VAL A 140 1.00 9.85 11.64
N SER A 141 1.80 9.69 10.58
CA SER A 141 1.30 9.04 9.37
C SER A 141 1.96 7.66 9.19
N LEU A 142 1.35 6.81 8.36
CA LEU A 142 1.80 5.42 8.24
C LEU A 142 1.82 4.94 6.79
N THR A 143 2.91 4.28 6.40
CA THR A 143 2.90 3.38 5.24
C THR A 143 3.61 2.14 5.72
N ILE A 144 2.88 1.28 6.42
CA ILE A 144 3.48 0.11 7.04
C ILE A 144 3.07 -1.19 6.33
N THR A 145 2.41 -1.06 5.17
CA THR A 145 1.76 -2.16 4.43
C THR A 145 0.54 -2.68 5.16
N GLU A 146 -0.39 -3.29 4.41
CA GLU A 146 -1.63 -3.76 4.99
C GLU A 146 -1.41 -4.68 6.21
N LYS A 147 -0.41 -5.55 6.13
CA LYS A 147 -0.19 -6.54 7.18
C LYS A 147 0.29 -5.90 8.49
N GLY A 148 0.79 -4.68 8.41
CA GLY A 148 1.30 -3.99 9.59
C GLY A 148 0.23 -3.62 10.61
N TYR A 149 -1.04 -3.71 10.22
CA TYR A 149 -2.14 -3.32 11.11
C TYR A 149 -2.63 -4.51 11.93
N PHE A 150 -2.20 -5.71 11.55
CA PHE A 150 -2.58 -6.94 12.24
C PHE A 150 -4.10 -7.08 12.35
N HIS A 151 -4.77 -6.76 11.25
CA HIS A 151 -6.23 -6.83 11.22
C HIS A 151 -6.59 -7.97 10.28
N SER A 152 -7.82 -8.46 10.40
CA SER A 152 -8.33 -9.46 9.48
C SER A 152 -8.72 -8.75 8.19
N PRO A 153 -8.14 -9.18 7.04
CA PRO A 153 -8.45 -8.49 5.78
C PRO A 153 -9.95 -8.51 5.47
N ALA A 154 -10.65 -9.58 5.83
CA ALA A 154 -12.07 -9.71 5.52
C ALA A 154 -12.98 -8.82 6.39
N THR A 155 -12.54 -8.50 7.60
CA THR A 155 -13.39 -7.74 8.53
C THR A 155 -12.86 -6.34 8.87
N GLY A 156 -11.57 -6.10 8.64
CA GLY A 156 -10.95 -4.84 9.02
C GLY A 156 -10.69 -4.68 10.51
N GLN A 157 -10.93 -5.74 11.29
CA GLN A 157 -10.82 -5.66 12.76
C GLN A 157 -9.51 -6.23 13.30
N LEU A 158 -9.01 -5.67 14.40
CA LEU A 158 -7.78 -6.14 15.03
C LEU A 158 -7.83 -7.63 15.40
N MET A 159 -6.74 -8.36 15.13
CA MET A 159 -6.64 -9.76 15.53
C MET A 159 -6.10 -9.84 16.95
N LEU A 160 -6.99 -9.90 17.94
CA LEU A 160 -6.58 -9.83 19.34
C LEU A 160 -5.78 -11.05 19.78
N ASP A 161 -5.90 -12.15 19.02
CA ASP A 161 -5.18 -13.37 19.32
C ASP A 161 -3.86 -13.51 18.54
N HIS A 162 -3.55 -12.52 17.70
CA HIS A 162 -2.28 -12.55 16.96
C HIS A 162 -1.11 -12.33 17.92
N PRO A 163 -0.07 -13.17 17.85
CA PRO A 163 1.00 -13.14 18.85
C PRO A 163 1.71 -11.80 18.97
N MET A 164 1.79 -11.05 17.87
CA MET A 164 2.36 -9.71 17.92
C MET A 164 1.46 -8.78 18.72
N VAL A 165 0.15 -8.96 18.59
CA VAL A 165 -0.81 -8.15 19.33
C VAL A 165 -0.84 -8.55 20.82
N VAL A 166 -0.90 -9.84 21.11
CA VAL A 166 -0.94 -10.23 22.52
C VAL A 166 0.35 -9.83 23.26
N ALA A 167 1.49 -9.89 22.57
CA ALA A 167 2.75 -9.46 23.17
C ALA A 167 2.75 -7.98 23.54
N ASP A 168 2.21 -7.14 22.67
CA ASP A 168 2.08 -5.72 23.01
C ASP A 168 1.08 -5.49 24.15
N VAL A 169 -0.03 -6.20 24.16
CA VAL A 169 -1.02 -6.06 25.18
C VAL A 169 -0.49 -6.44 26.57
N GLN A 170 0.39 -7.41 26.59
CA GLN A 170 1.07 -7.81 27.80
C GLN A 170 2.22 -6.91 28.18
N ASN A 171 2.72 -6.14 27.25
CA ASN A 171 3.85 -5.29 27.49
C ASN A 171 3.67 -3.92 26.82
N PRO A 172 2.62 -3.24 27.17
CA PRO A 172 2.19 -2.07 26.43
C PRO A 172 3.16 -0.90 26.48
N HIS A 173 4.09 -0.90 27.40
CA HIS A 173 5.04 0.19 27.52
C HIS A 173 6.33 -0.11 26.82
N GLN A 174 6.44 -1.30 26.28
CA GLN A 174 7.46 -1.67 25.35
C GLN A 174 6.89 -2.28 24.07
N PRO A 175 6.04 -1.55 23.37
CA PRO A 175 5.36 -2.10 22.20
C PRO A 175 6.25 -2.29 20.99
N LYS A 176 5.91 -3.26 20.16
CA LYS A 176 6.63 -3.51 18.92
C LYS A 176 5.82 -3.17 17.67
N THR A 177 4.49 -3.22 17.77
CA THR A 177 3.63 -2.93 16.62
C THR A 177 3.39 -1.43 16.48
N ALA A 178 3.07 -1.00 15.27
CA ALA A 178 2.78 0.40 15.01
C ALA A 178 1.65 0.91 15.90
N THR A 179 0.58 0.15 16.01
CA THR A 179 -0.55 0.54 16.86
C THR A 179 -0.11 0.65 18.32
N GLY A 180 0.69 -0.32 18.77
CA GLY A 180 1.18 -0.30 20.14
C GLY A 180 2.04 0.91 20.42
N VAL A 181 2.92 1.25 19.48
CA VAL A 181 3.79 2.40 19.63
C VAL A 181 2.98 3.70 19.65
N ILE A 182 2.04 3.82 18.72
CA ILE A 182 1.18 5.00 18.65
C ILE A 182 0.38 5.19 19.95
N VAL A 183 -0.23 4.11 20.45
CA VAL A 183 -1.06 4.20 21.63
C VAL A 183 -0.21 4.55 22.87
N GLU A 184 1.00 4.00 22.95
CA GLU A 184 1.90 4.35 24.04
C GLU A 184 2.35 5.80 23.96
N ALA A 185 2.59 6.29 22.74
CA ALA A 185 2.92 7.70 22.57
C ALA A 185 1.76 8.57 23.06
N LEU A 186 0.54 8.17 22.70
CA LEU A 186 -0.66 8.91 23.12
C LEU A 186 -0.84 8.89 24.64
N ALA A 187 -0.61 7.74 25.25
CA ALA A 187 -0.69 7.62 26.72
C ALA A 187 0.25 8.63 27.39
N ARG A 188 1.46 8.73 26.86
CA ARG A 188 2.44 9.65 27.42
C ARG A 188 2.10 11.12 27.19
N ARG A 189 1.55 11.44 26.02
CA ARG A 189 1.12 12.81 25.75
C ARG A 189 -0.03 13.18 26.68
N LYS A 190 -0.99 12.27 26.83
CA LYS A 190 -2.11 12.48 27.74
C LYS A 190 -1.60 12.79 29.15
N ALA A 191 -0.68 11.97 29.64
CA ALA A 191 -0.16 12.13 30.99
C ALA A 191 0.63 13.43 31.18
N ALA A 192 1.21 13.93 30.09
CA ALA A 192 1.97 15.17 30.16
C ALA A 192 1.09 16.39 29.88
N GLY A 193 -0.19 16.15 29.66
CA GLY A 193 -1.11 17.19 29.32
C GLY A 193 -0.85 17.82 27.98
N LEU A 194 -0.21 17.08 27.10
CA LEU A 194 0.03 17.48 25.73
C LEU A 194 -1.13 17.14 24.80
N PRO A 195 -1.31 17.95 23.78
CA PRO A 195 -2.40 17.68 22.86
C PRO A 195 -2.14 16.39 22.09
N ALA A 196 -3.20 15.73 21.75
CA ALA A 196 -3.12 14.54 20.91
C ALA A 196 -2.64 14.92 19.50
N PHE A 197 -2.16 13.93 18.75
CA PHE A 197 -1.90 14.14 17.33
C PHE A 197 -2.97 13.44 16.50
N THR A 198 -3.08 13.82 15.22
CA THR A 198 -3.94 13.09 14.29
C THR A 198 -3.17 11.86 13.80
N VAL A 199 -3.87 10.75 13.58
CA VAL A 199 -3.23 9.54 13.05
C VAL A 199 -3.73 9.32 11.61
N MET A 200 -2.81 9.40 10.65
CA MET A 200 -3.20 9.36 9.24
C MET A 200 -2.60 8.16 8.52
N SER A 201 -3.42 7.15 8.24
CA SER A 201 -2.97 6.01 7.44
C SER A 201 -2.89 6.41 5.99
N CYS A 202 -1.80 6.01 5.33
CA CYS A 202 -1.64 6.18 3.88
C CYS A 202 -1.38 4.82 3.26
N ASP A 203 -1.95 3.77 3.84
CA ASP A 203 -1.85 2.43 3.24
C ASP A 203 -3.07 2.11 2.37
N ASN A 204 -2.89 1.17 1.43
CA ASN A 204 -3.90 0.86 0.39
C ASN A 204 -5.10 0.03 0.82
N MET A 205 -5.89 0.57 1.75
CA MET A 205 -7.09 -0.09 2.22
C MET A 205 -8.24 0.90 2.08
N PRO A 206 -9.45 0.40 1.79
CA PRO A 206 -10.61 1.29 1.73
C PRO A 206 -10.93 1.75 3.15
N GLU A 207 -11.35 3.00 3.30
CA GLU A 207 -11.56 3.62 4.60
C GLU A 207 -10.38 3.32 5.52
N ASN A 208 -9.17 3.62 5.06
CA ASN A 208 -7.99 3.26 5.85
C ASN A 208 -7.97 3.95 7.21
N GLY A 209 -8.64 5.09 7.31
CA GLY A 209 -8.77 5.75 8.60
C GLY A 209 -9.68 4.99 9.56
N HIS A 210 -10.69 4.30 9.03
CA HIS A 210 -11.56 3.48 9.89
C HIS A 210 -10.80 2.25 10.39
N VAL A 211 -9.97 1.67 9.53
CA VAL A 211 -9.18 0.52 9.96
C VAL A 211 -8.24 0.96 11.07
N MET A 212 -7.59 2.10 10.87
CA MET A 212 -6.67 2.65 11.86
C MET A 212 -7.40 2.95 13.17
N ARG A 213 -8.55 3.61 13.06
CA ARG A 213 -9.38 3.91 14.22
C ARG A 213 -9.78 2.64 14.95
N ASP A 214 -10.23 1.64 14.20
CA ASP A 214 -10.69 0.39 14.80
C ASP A 214 -9.58 -0.36 15.53
N VAL A 215 -8.41 -0.52 14.89
CA VAL A 215 -7.33 -1.25 15.53
C VAL A 215 -6.79 -0.49 16.75
N VAL A 216 -6.70 0.83 16.66
CA VAL A 216 -6.24 1.64 17.78
C VAL A 216 -7.24 1.53 18.94
N THR A 217 -8.53 1.62 18.61
CA THR A 217 -9.59 1.54 19.61
C THR A 217 -9.63 0.19 20.31
N SER A 218 -9.62 -0.89 19.51
CA SER A 218 -9.64 -2.25 20.08
C SER A 218 -8.42 -2.47 20.96
N TYR A 219 -7.25 -2.01 20.48
CA TYR A 219 -6.01 -2.19 21.23
C TYR A 219 -6.04 -1.39 22.54
N ALA A 220 -6.39 -0.12 22.45
CA ALA A 220 -6.46 0.72 23.66
C ALA A 220 -7.42 0.13 24.70
N GLN A 221 -8.59 -0.31 24.25
CA GLN A 221 -9.58 -0.92 25.16
C GLN A 221 -9.04 -2.17 25.84
N ALA A 222 -8.11 -2.86 25.18
CA ALA A 222 -7.52 -4.08 25.73
C ALA A 222 -6.52 -3.80 26.84
N ILE A 223 -6.02 -2.58 26.92
CA ILE A 223 -5.00 -2.26 27.92
C ILE A 223 -5.41 -1.21 28.96
N ASP A 224 -6.34 -0.32 28.60
CA ASP A 224 -6.68 0.83 29.44
C ASP A 224 -7.92 1.56 28.90
N VAL A 225 -9.06 1.38 29.57
CA VAL A 225 -10.31 1.95 29.07
C VAL A 225 -10.39 3.48 29.15
N LYS A 226 -9.70 4.07 30.12
CA LYS A 226 -9.64 5.54 30.22
C LYS A 226 -8.81 6.14 29.09
N LEU A 227 -7.74 5.43 28.71
CA LEU A 227 -6.93 5.89 27.59
C LEU A 227 -7.72 5.78 26.30
N ALA A 228 -8.47 4.69 26.15
CA ALA A 228 -9.30 4.50 24.98
C ALA A 228 -10.31 5.64 24.81
N GLN A 229 -10.95 6.04 25.92
CA GLN A 229 -11.94 7.11 25.81
C GLN A 229 -11.30 8.45 25.48
N TRP A 230 -10.12 8.70 26.05
CA TRP A 230 -9.39 9.93 25.79
C TRP A 230 -8.97 9.97 24.32
N ILE A 231 -8.54 8.83 23.80
CA ILE A 231 -8.18 8.74 22.39
C ILE A 231 -9.41 9.02 21.53
N GLU A 232 -10.52 8.40 21.88
CA GLU A 232 -11.78 8.63 21.17
C GLU A 232 -12.18 10.11 21.16
N ASP A 233 -11.92 10.80 22.27
CA ASP A 233 -12.30 12.20 22.40
C ASP A 233 -11.33 13.18 21.73
N ASN A 234 -10.09 12.75 21.54
CA ASN A 234 -9.04 13.71 21.16
C ASN A 234 -8.32 13.46 19.83
N VAL A 235 -8.43 12.25 19.30
CA VAL A 235 -7.68 11.88 18.08
C VAL A 235 -8.65 11.74 16.92
N THR A 236 -8.27 12.24 15.75
CA THR A 236 -9.02 11.91 14.54
C THR A 236 -8.20 10.97 13.67
N PHE A 237 -8.91 10.22 12.84
CA PHE A 237 -8.30 9.22 11.96
C PHE A 237 -8.78 9.43 10.53
N PRO A 238 -8.30 10.49 9.85
CA PRO A 238 -8.80 10.79 8.51
C PRO A 238 -8.36 9.71 7.52
N SER A 239 -9.20 9.41 6.54
CA SER A 239 -8.86 8.45 5.49
C SER A 239 -8.17 9.15 4.32
N THR A 240 -7.42 8.38 3.54
CA THR A 240 -6.72 8.91 2.37
C THR A 240 -6.81 7.96 1.20
N MET A 241 -6.55 8.47 0.01
CA MET A 241 -6.26 7.61 -1.13
C MET A 241 -4.93 8.08 -1.67
N VAL A 242 -4.02 7.14 -1.89
CA VAL A 242 -2.68 7.48 -2.37
C VAL A 242 -2.40 6.74 -3.67
N ASP A 243 -1.77 7.42 -4.62
CA ASP A 243 -1.45 6.79 -5.89
C ASP A 243 -0.14 7.36 -6.47
N ARG A 244 0.82 6.46 -6.68
CA ARG A 244 2.01 6.73 -7.48
C ARG A 244 2.69 5.39 -7.57
N ILE A 245 3.00 4.95 -8.79
CA ILE A 245 3.67 3.66 -8.95
C ILE A 245 5.16 3.80 -8.60
N VAL A 246 5.59 3.04 -7.60
CA VAL A 246 6.97 3.07 -7.12
C VAL A 246 7.48 1.65 -6.95
N PRO A 247 8.17 1.11 -7.96
CA PRO A 247 8.66 -0.28 -7.83
C PRO A 247 9.75 -0.41 -6.78
N ALA A 248 9.94 -1.62 -6.24
CA ALA A 248 11.02 -1.85 -5.30
C ALA A 248 12.35 -1.48 -5.95
N VAL A 249 13.24 -0.89 -5.15
CA VAL A 249 14.51 -0.41 -5.68
C VAL A 249 15.47 -1.58 -5.86
N THR A 250 16.06 -1.70 -7.05
CA THR A 250 17.06 -2.74 -7.31
C THR A 250 18.41 -2.08 -7.58
N GLU A 251 19.43 -2.89 -7.81
CA GLU A 251 20.75 -2.35 -8.15
C GLU A 251 20.68 -1.61 -9.49
N ASP A 252 19.87 -2.11 -10.42
CA ASP A 252 19.68 -1.45 -11.71
C ASP A 252 19.00 -0.10 -11.53
N THR A 253 18.08 0.00 -10.58
CA THR A 253 17.44 1.28 -10.28
C THR A 253 18.48 2.28 -9.81
N LEU A 254 19.33 1.87 -8.86
CA LEU A 254 20.32 2.78 -8.29
C LEU A 254 21.34 3.20 -9.35
N ALA A 255 21.69 2.27 -10.22
CA ALA A 255 22.62 2.56 -11.31
C ALA A 255 21.99 3.54 -12.29
N LYS A 256 20.70 3.40 -12.53
CA LYS A 256 20.01 4.29 -13.46
C LYS A 256 19.88 5.71 -12.89
N ILE A 257 19.62 5.81 -11.59
CA ILE A 257 19.54 7.12 -10.95
C ILE A 257 20.91 7.79 -10.95
N GLU A 258 21.95 7.01 -10.74
CA GLU A 258 23.32 7.53 -10.82
C GLU A 258 23.63 8.09 -12.19
N GLN A 259 23.24 7.38 -13.20
CA GLN A 259 23.49 7.78 -14.54
C GLN A 259 22.75 9.06 -14.90
N LEU A 260 21.56 9.23 -14.35
CA LEU A 260 20.79 10.43 -14.57
C LEU A 260 21.31 11.62 -13.77
N THR A 261 21.54 11.44 -12.50
CA THR A 261 21.93 12.54 -11.66
C THR A 261 23.44 12.79 -11.52
N GLY A 262 24.21 11.77 -11.78
CA GLY A 262 25.66 11.79 -11.62
C GLY A 262 26.09 11.32 -10.23
N VAL A 263 25.13 11.06 -9.35
CA VAL A 263 25.46 10.73 -7.97
C VAL A 263 24.79 9.44 -7.50
N ARG A 264 25.57 8.55 -6.90
CA ARG A 264 25.05 7.31 -6.32
C ARG A 264 24.36 7.62 -4.98
N ASP A 265 23.08 7.28 -4.90
CA ASP A 265 22.31 7.47 -3.68
C ASP A 265 21.63 6.16 -3.30
N ALA A 266 22.13 5.52 -2.25
CA ALA A 266 21.57 4.23 -1.82
C ALA A 266 20.11 4.36 -1.35
N ALA A 267 19.70 5.57 -0.98
CA ALA A 267 18.32 5.78 -0.54
C ALA A 267 17.46 6.34 -1.67
N GLY A 268 18.00 6.32 -2.89
CA GLY A 268 17.29 6.86 -4.03
C GLY A 268 16.14 5.96 -4.44
N VAL A 269 15.14 6.57 -5.07
N VAL A 269 15.11 6.57 -5.02
CA VAL A 269 13.93 5.86 -5.47
CA VAL A 269 13.96 5.80 -5.50
C VAL A 269 13.49 6.32 -6.87
C VAL A 269 13.54 6.31 -6.89
N ALA A 270 13.08 5.38 -7.72
CA ALA A 270 12.56 5.74 -9.04
C ALA A 270 11.05 5.55 -9.04
N CYS A 271 10.33 6.43 -9.74
CA CYS A 271 8.88 6.32 -9.77
C CYS A 271 8.32 6.94 -11.05
N GLU A 272 7.03 6.78 -11.30
CA GLU A 272 6.39 7.43 -12.43
C GLU A 272 6.16 8.90 -12.11
N PRO A 273 5.91 9.72 -13.13
CA PRO A 273 5.60 11.12 -12.88
C PRO A 273 4.25 11.37 -12.23
N PHE A 274 3.25 10.54 -12.54
CA PHE A 274 1.93 10.71 -11.94
C PHE A 274 1.95 10.62 -10.41
N ARG A 275 1.16 11.48 -9.77
CA ARG A 275 0.90 11.32 -8.34
C ARG A 275 -0.48 11.84 -7.99
N GLN A 276 -1.15 11.18 -7.06
CA GLN A 276 -2.43 11.68 -6.57
C GLN A 276 -2.51 11.42 -5.07
N TRP A 277 -3.17 12.31 -4.34
CA TRP A 277 -3.31 12.13 -2.90
C TRP A 277 -4.60 12.81 -2.48
N VAL A 278 -5.59 12.00 -2.11
CA VAL A 278 -6.88 12.51 -1.68
C VAL A 278 -6.95 12.38 -0.17
N ILE A 279 -7.31 13.45 0.52
CA ILE A 279 -7.16 13.48 1.97
C ILE A 279 -8.43 14.02 2.61
N GLU A 280 -8.98 13.26 3.55
CA GLU A 280 -10.13 13.70 4.32
C GLU A 280 -9.66 14.83 5.23
N ASP A 281 -10.26 16.01 5.11
CA ASP A 281 -9.77 17.16 5.88
C ASP A 281 -10.30 17.14 7.29
N ASN A 282 -9.70 16.32 8.14
CA ASN A 282 -10.14 16.18 9.52
C ASN A 282 -8.97 15.98 10.47
N PHE A 283 -8.32 17.07 10.84
CA PHE A 283 -7.10 17.04 11.66
C PHE A 283 -7.31 17.82 12.97
N VAL A 284 -6.72 17.35 14.06
CA VAL A 284 -6.93 17.96 15.37
C VAL A 284 -5.92 19.05 15.72
N ALA A 285 -4.74 18.97 15.12
CA ALA A 285 -3.63 19.84 15.52
C ALA A 285 -2.98 20.51 14.31
N GLY A 286 -3.76 20.72 13.26
CA GLY A 286 -3.26 21.36 12.05
C GLY A 286 -2.69 20.36 11.07
N ARG A 287 -2.31 20.84 9.89
CA ARG A 287 -1.72 19.98 8.87
C ARG A 287 -0.97 20.87 7.91
N PRO A 288 -0.04 20.29 7.13
CA PRO A 288 0.55 21.08 6.05
C PRO A 288 -0.54 21.49 5.06
N GLU A 289 -0.28 22.53 4.29
CA GLU A 289 -1.23 22.95 3.28
C GLU A 289 -1.08 22.09 2.02
N TRP A 290 -1.29 20.78 2.18
CA TRP A 290 -1.06 19.83 1.10
C TRP A 290 -1.83 20.14 -0.19
N GLU A 291 -2.98 20.81 -0.08
CA GLU A 291 -3.76 21.13 -1.27
C GLU A 291 -2.97 22.02 -2.24
N LYS A 292 -2.05 22.81 -1.70
CA LYS A 292 -1.22 23.68 -2.53
C LYS A 292 -0.17 22.91 -3.33
N ALA A 293 0.12 21.68 -2.91
CA ALA A 293 1.09 20.84 -3.62
C ALA A 293 0.36 19.81 -4.48
N GLY A 294 -0.95 19.96 -4.60
CA GLY A 294 -1.71 19.13 -5.51
C GLY A 294 -2.56 18.06 -4.85
N ALA A 295 -2.59 18.01 -3.53
CA ALA A 295 -3.44 17.05 -2.85
C ALA A 295 -4.88 17.52 -2.95
N GLU A 296 -5.81 16.56 -2.98
CA GLU A 296 -7.22 16.87 -3.01
C GLU A 296 -7.77 16.77 -1.62
N LEU A 297 -8.06 17.92 -1.03
CA LEU A 297 -8.56 17.96 0.35
C LEU A 297 -10.07 18.01 0.27
N VAL A 298 -10.73 16.97 0.76
CA VAL A 298 -12.16 16.82 0.57
C VAL A 298 -12.82 16.39 1.87
N SER A 299 -14.13 16.19 1.83
CA SER A 299 -14.82 15.76 3.06
C SER A 299 -14.97 14.22 3.10
N ASP A 300 -14.90 13.56 1.94
CA ASP A 300 -15.12 12.11 1.86
C ASP A 300 -14.25 11.46 0.78
N VAL A 301 -13.38 10.54 1.19
CA VAL A 301 -12.39 9.98 0.27
C VAL A 301 -12.81 8.60 -0.25
N LEU A 302 -13.81 8.00 0.40
CA LEU A 302 -14.19 6.64 0.05
C LEU A 302 -14.42 6.35 -1.46
N PRO A 303 -15.18 7.22 -2.16
CA PRO A 303 -15.40 6.87 -3.57
C PRO A 303 -14.10 6.83 -4.38
N TYR A 304 -13.14 7.68 -4.02
CA TYR A 304 -11.87 7.72 -4.72
C TYR A 304 -10.98 6.54 -4.34
N GLU A 305 -11.01 6.15 -3.07
CA GLU A 305 -10.34 4.94 -2.63
C GLU A 305 -10.85 3.74 -3.42
N GLU A 306 -12.16 3.57 -3.48
CA GLU A 306 -12.72 2.42 -4.23
C GLU A 306 -12.35 2.49 -5.71
N MET A 307 -12.45 3.68 -6.29
CA MET A 307 -12.09 3.85 -7.70
C MET A 307 -10.68 3.35 -7.98
N LYS A 308 -9.71 3.80 -7.16
CA LYS A 308 -8.31 3.49 -7.40
C LYS A 308 -7.97 2.06 -6.98
N LEU A 309 -8.44 1.64 -5.81
CA LEU A 309 -8.18 0.27 -5.36
C LEU A 309 -8.73 -0.77 -6.33
N ARG A 310 -9.89 -0.47 -6.93
CA ARG A 310 -10.50 -1.45 -7.82
C ARG A 310 -9.97 -1.36 -9.25
N MET A 311 -10.01 -0.18 -9.86
CA MET A 311 -9.59 -0.06 -11.26
C MET A 311 -8.08 -0.17 -11.40
N LEU A 312 -7.32 0.41 -10.47
CA LEU A 312 -5.88 0.30 -10.58
C LEU A 312 -5.41 -0.96 -9.86
N ASN A 313 -5.50 -0.98 -8.53
CA ASN A 313 -4.90 -2.12 -7.81
C ASN A 313 -5.48 -3.48 -8.18
N GLY A 314 -6.80 -3.52 -8.44
CA GLY A 314 -7.44 -4.76 -8.86
C GLY A 314 -6.90 -5.24 -10.19
N SER A 315 -6.72 -4.34 -11.13
CA SER A 315 -6.14 -4.71 -12.41
C SER A 315 -4.64 -5.10 -12.31
N HIS A 316 -3.91 -4.37 -11.48
CA HIS A 316 -2.54 -4.68 -11.10
C HIS A 316 -2.38 -6.12 -10.58
N SER A 317 -3.26 -6.49 -9.69
CA SER A 317 -3.22 -7.79 -9.10
C SER A 317 -3.56 -8.87 -10.12
N PHE A 318 -4.61 -8.64 -10.89
CA PHE A 318 -4.99 -9.51 -12.01
C PHE A 318 -3.77 -9.78 -12.87
N LEU A 319 -3.09 -8.71 -13.28
CA LEU A 319 -1.89 -8.83 -14.11
C LEU A 319 -0.73 -9.52 -13.38
N ALA A 320 -0.58 -9.26 -12.09
CA ALA A 320 0.51 -9.84 -11.34
C ALA A 320 0.47 -11.38 -11.33
N TYR A 321 -0.66 -11.95 -10.96
CA TYR A 321 -0.72 -13.41 -10.86
C TYR A 321 -0.74 -14.06 -12.22
N LEU A 322 -1.60 -13.56 -13.10
CA LEU A 322 -1.73 -14.17 -14.42
C LEU A 322 -0.54 -13.84 -15.32
N GLY A 323 0.08 -12.68 -15.08
CA GLY A 323 1.30 -12.32 -15.80
C GLY A 323 2.48 -13.16 -15.36
N TYR A 324 2.71 -13.23 -14.05
CA TYR A 324 3.79 -14.08 -13.53
C TYR A 324 3.68 -15.51 -14.05
N LEU A 325 2.47 -16.07 -13.98
CA LEU A 325 2.24 -17.46 -14.40
C LEU A 325 2.49 -17.67 -15.89
N ALA A 326 2.30 -16.62 -16.69
CA ALA A 326 2.58 -16.70 -18.12
C ALA A 326 4.06 -16.42 -18.39
N GLY A 327 4.82 -16.10 -17.36
CA GLY A 327 6.24 -15.80 -17.54
C GLY A 327 6.54 -14.34 -17.86
N TYR A 328 5.61 -13.44 -17.58
CA TYR A 328 5.86 -12.02 -17.76
C TYR A 328 6.45 -11.47 -16.46
N GLN A 329 7.69 -10.99 -16.52
CA GLN A 329 8.40 -10.59 -15.31
C GLN A 329 7.90 -9.25 -14.75
N HIS A 330 7.51 -8.36 -15.64
CA HIS A 330 7.10 -7.00 -15.24
C HIS A 330 5.77 -6.63 -15.88
N ILE A 331 5.12 -5.62 -15.31
CA ILE A 331 3.84 -5.12 -15.84
C ILE A 331 4.00 -4.63 -17.28
N ASN A 332 5.11 -3.96 -17.58
CA ASN A 332 5.31 -3.49 -18.94
C ASN A 332 5.41 -4.69 -19.92
N ASP A 333 5.87 -5.83 -19.41
CA ASP A 333 5.90 -7.04 -20.23
C ASP A 333 4.47 -7.53 -20.50
N CYS A 334 3.63 -7.48 -19.47
CA CYS A 334 2.21 -7.84 -19.64
C CYS A 334 1.55 -6.97 -20.71
N MET A 335 1.88 -5.68 -20.71
CA MET A 335 1.22 -4.73 -21.62
C MET A 335 1.64 -4.93 -23.08
N GLU A 336 2.69 -5.72 -23.30
CA GLU A 336 3.09 -6.08 -24.67
C GLU A 336 2.23 -7.20 -25.23
N ASP A 337 1.54 -7.93 -24.36
CA ASP A 337 0.62 -8.96 -24.81
C ASP A 337 -0.74 -8.29 -24.99
N GLU A 338 -1.20 -8.16 -26.23
CA GLU A 338 -2.43 -7.43 -26.52
C GLU A 338 -3.64 -8.00 -25.78
N HIS A 339 -3.62 -9.31 -25.50
CA HIS A 339 -4.73 -9.92 -24.75
C HIS A 339 -4.73 -9.52 -23.28
N TYR A 340 -3.56 -9.40 -22.67
CA TYR A 340 -3.48 -8.93 -21.29
C TYR A 340 -3.86 -7.46 -21.22
N ARG A 341 -3.48 -6.71 -22.25
CA ARG A 341 -3.81 -5.29 -22.31
C ARG A 341 -5.33 -5.12 -22.40
N HIS A 342 -5.96 -5.88 -23.28
CA HIS A 342 -7.40 -5.82 -23.46
C HIS A 342 -8.16 -6.36 -22.24
N ALA A 343 -7.65 -7.43 -21.66
CA ALA A 343 -8.28 -8.00 -20.46
C ALA A 343 -8.25 -7.02 -19.29
N ALA A 344 -7.09 -6.39 -19.08
CA ALA A 344 -6.97 -5.44 -17.98
C ALA A 344 -7.93 -4.27 -18.20
N TYR A 345 -8.00 -3.78 -19.44
CA TYR A 345 -8.88 -2.65 -19.77
C TYR A 345 -10.35 -3.02 -19.56
N THR A 346 -10.74 -4.20 -20.04
CA THR A 346 -12.11 -4.67 -19.88
C THR A 346 -12.45 -4.89 -18.41
N LEU A 347 -11.50 -5.44 -17.65
CA LEU A 347 -11.67 -5.57 -16.20
C LEU A 347 -11.92 -4.21 -15.54
N MET A 348 -11.08 -3.22 -15.88
CA MET A 348 -11.23 -1.87 -15.32
C MET A 348 -12.59 -1.28 -15.61
N LEU A 349 -13.00 -1.34 -16.86
CA LEU A 349 -14.14 -0.53 -17.30
C LEU A 349 -15.47 -1.28 -17.28
N GLN A 350 -15.45 -2.58 -17.55
CA GLN A 350 -16.70 -3.34 -17.59
C GLN A 350 -17.01 -4.03 -16.27
N GLU A 351 -15.99 -4.31 -15.45
CA GLU A 351 -16.26 -4.97 -14.19
C GLU A 351 -15.98 -4.13 -12.94
N GLN A 352 -14.93 -3.32 -12.96
CA GLN A 352 -14.65 -2.51 -11.77
C GLN A 352 -15.46 -1.22 -11.76
N ALA A 353 -15.41 -0.47 -12.85
CA ALA A 353 -16.08 0.83 -12.92
C ALA A 353 -17.58 0.83 -12.57
N PRO A 354 -18.35 -0.18 -13.00
CA PRO A 354 -19.78 -0.14 -12.64
C PRO A 354 -20.07 -0.26 -11.15
N THR A 355 -19.09 -0.72 -10.36
CA THR A 355 -19.31 -0.90 -8.92
C THR A 355 -19.08 0.40 -8.16
N LEU A 356 -18.65 1.44 -8.87
CA LEU A 356 -18.21 2.68 -8.22
C LEU A 356 -19.33 3.71 -8.03
N LYS A 357 -19.19 4.54 -6.99
CA LYS A 357 -20.17 5.60 -6.74
C LYS A 357 -19.57 6.99 -6.97
N VAL A 358 -18.35 7.03 -7.47
CA VAL A 358 -17.63 8.28 -7.68
C VAL A 358 -18.35 9.16 -8.71
N GLN A 359 -18.40 10.47 -8.47
CA GLN A 359 -19.01 11.40 -9.43
C GLN A 359 -17.95 12.26 -10.08
N GLY A 360 -18.23 12.73 -11.30
CA GLY A 360 -17.40 13.75 -11.93
C GLY A 360 -16.09 13.26 -12.55
N VAL A 361 -16.01 11.96 -12.82
CA VAL A 361 -14.81 11.38 -13.42
C VAL A 361 -15.19 10.60 -14.68
N ASP A 362 -14.51 10.88 -15.79
CA ASP A 362 -14.63 10.04 -16.99
C ASP A 362 -13.86 8.76 -16.73
N LEU A 363 -14.56 7.66 -16.44
CA LEU A 363 -13.88 6.43 -16.05
C LEU A 363 -13.23 5.72 -17.25
N GLN A 364 -13.75 5.95 -18.45
CA GLN A 364 -13.14 5.36 -19.63
C GLN A 364 -11.77 6.01 -19.85
N ASP A 365 -11.73 7.33 -19.70
CA ASP A 365 -10.48 8.06 -19.78
C ASP A 365 -9.51 7.64 -18.68
N TYR A 366 -10.03 7.42 -17.47
CA TYR A 366 -9.18 6.97 -16.37
C TYR A 366 -8.57 5.60 -16.70
N ALA A 367 -9.41 4.68 -17.18
CA ALA A 367 -8.91 3.36 -17.62
C ALA A 367 -7.83 3.47 -18.69
N ASN A 368 -8.04 4.35 -19.67
CA ASN A 368 -7.06 4.56 -20.74
C ASN A 368 -5.74 5.04 -20.16
N ARG A 369 -5.83 5.93 -19.19
CA ARG A 369 -4.63 6.47 -18.52
C ARG A 369 -3.91 5.42 -17.68
N LEU A 370 -4.65 4.54 -17.02
CA LEU A 370 -4.03 3.44 -16.27
C LEU A 370 -3.23 2.53 -17.20
N ILE A 371 -3.80 2.17 -18.35
CA ILE A 371 -3.09 1.33 -19.31
C ILE A 371 -1.80 2.02 -19.78
N GLU A 372 -1.88 3.32 -20.02
CA GLU A 372 -0.69 4.10 -20.41
C GLU A 372 0.32 4.08 -19.28
N ARG A 373 -0.15 4.23 -18.05
CA ARG A 373 0.77 4.21 -16.91
C ARG A 373 1.41 2.84 -16.72
N TYR A 374 0.66 1.77 -16.97
CA TYR A 374 1.22 0.42 -16.86
C TYR A 374 2.29 0.17 -17.94
N SER A 375 2.10 0.83 -19.08
CA SER A 375 2.97 0.60 -20.24
C SER A 375 4.27 1.43 -20.19
N ASN A 376 4.47 2.18 -19.10
CA ASN A 376 5.68 2.97 -18.89
C ASN A 376 6.93 2.11 -19.10
N PRO A 377 7.70 2.40 -20.15
CA PRO A 377 8.85 1.53 -20.45
C PRO A 377 10.06 1.85 -19.59
N ALA A 378 10.01 2.93 -18.82
CA ALA A 378 11.16 3.34 -18.01
C ALA A 378 11.17 2.70 -16.63
N LEU A 379 10.09 2.03 -16.25
CA LEU A 379 10.01 1.36 -14.96
C LEU A 379 10.00 -0.15 -15.16
N ARG A 380 10.49 -0.87 -14.16
CA ARG A 380 10.45 -2.33 -14.18
C ARG A 380 9.72 -2.80 -12.93
N HIS A 381 8.39 -2.84 -13.02
CA HIS A 381 7.60 -3.17 -11.86
C HIS A 381 7.28 -4.66 -11.91
N ARG A 382 7.86 -5.41 -11.00
CA ARG A 382 7.81 -6.88 -11.06
C ARG A 382 6.43 -7.41 -10.69
N THR A 383 5.91 -8.32 -11.51
CA THR A 383 4.69 -9.01 -11.18
C THR A 383 4.85 -9.72 -9.84
N TRP A 384 6.05 -10.23 -9.57
CA TRP A 384 6.31 -10.89 -8.29
C TRP A 384 6.14 -9.95 -7.10
N GLN A 385 6.58 -8.70 -7.23
CA GLN A 385 6.39 -7.76 -6.14
C GLN A 385 4.90 -7.46 -5.91
N ILE A 386 4.19 -7.17 -6.99
CA ILE A 386 2.76 -6.85 -6.86
C ILE A 386 1.99 -8.04 -6.27
N ALA A 387 2.45 -9.24 -6.59
CA ALA A 387 1.83 -10.48 -6.11
C ALA A 387 1.95 -10.68 -4.61
N MET A 388 2.91 -10.01 -3.99
CA MET A 388 3.14 -10.14 -2.55
C MET A 388 1.87 -9.83 -1.73
N ASP A 389 1.67 -10.55 -0.63
CA ASP A 389 0.58 -10.26 0.32
C ASP A 389 -0.82 -10.30 -0.29
N GLY A 390 -1.06 -11.22 -1.22
CA GLY A 390 -2.37 -11.33 -1.84
C GLY A 390 -3.52 -11.46 -0.85
N SER A 391 -3.28 -12.18 0.25
CA SER A 391 -4.29 -12.37 1.29
C SER A 391 -4.77 -11.03 1.87
N GLN A 392 -3.90 -10.01 1.82
CA GLN A 392 -4.21 -8.70 2.41
C GLN A 392 -4.84 -7.76 1.39
N LYS A 393 -4.78 -8.15 0.11
CA LYS A 393 -5.14 -7.27 -1.01
C LYS A 393 -6.41 -7.70 -1.74
N LEU A 394 -6.62 -9.01 -1.90
CA LEU A 394 -7.79 -9.54 -2.61
C LEU A 394 -9.15 -8.94 -2.21
N PRO A 395 -9.44 -8.81 -0.89
CA PRO A 395 -10.76 -8.32 -0.50
C PRO A 395 -11.13 -6.96 -1.09
N GLN A 396 -10.25 -5.96 -0.95
CA GLN A 396 -10.60 -4.65 -1.46
C GLN A 396 -10.39 -4.52 -2.96
N ARG A 397 -9.48 -5.31 -3.51
CA ARG A 397 -9.12 -5.14 -4.93
C ARG A 397 -10.04 -5.89 -5.86
N MET A 398 -10.53 -7.05 -5.41
CA MET A 398 -11.40 -7.86 -6.26
C MET A 398 -12.70 -8.32 -5.61
N LEU A 399 -12.64 -8.73 -4.35
CA LEU A 399 -13.79 -9.41 -3.73
C LEU A 399 -14.99 -8.49 -3.47
N ASP A 400 -14.74 -7.26 -3.02
CA ASP A 400 -15.85 -6.32 -2.84
C ASP A 400 -16.56 -6.02 -4.18
N SER A 401 -15.81 -6.00 -5.28
CA SER A 401 -16.45 -5.82 -6.59
C SER A 401 -17.30 -7.03 -6.95
N VAL A 402 -16.77 -8.23 -6.72
CA VAL A 402 -17.54 -9.44 -6.94
C VAL A 402 -18.85 -9.37 -6.16
N ARG A 403 -18.78 -8.94 -4.91
CA ARG A 403 -20.00 -8.80 -4.10
C ARG A 403 -21.00 -7.84 -4.74
N TRP A 404 -20.51 -6.76 -5.34
CA TRP A 404 -21.41 -5.82 -6.02
C TRP A 404 -22.14 -6.52 -7.16
N HIS A 405 -21.38 -7.26 -7.96
CA HIS A 405 -21.97 -7.94 -9.11
C HIS A 405 -22.95 -9.04 -8.70
N LEU A 406 -22.62 -9.77 -7.66
CA LEU A 406 -23.49 -10.78 -7.13
C LEU A 406 -24.82 -10.16 -6.71
N ALA A 407 -24.74 -9.07 -5.99
CA ALA A 407 -25.95 -8.43 -5.52
C ALA A 407 -26.79 -7.85 -6.65
N HIS A 408 -26.16 -7.54 -7.76
CA HIS A 408 -26.82 -6.87 -8.85
C HIS A 408 -27.08 -7.77 -10.04
N ASP A 409 -26.84 -9.04 -9.85
CA ASP A 409 -27.04 -10.03 -10.88
C ASP A 409 -26.31 -9.68 -12.19
N SER A 410 -25.06 -9.36 -12.05
CA SER A 410 -24.24 -8.85 -13.09
C SER A 410 -22.99 -9.77 -13.23
N LYS A 411 -22.39 -9.83 -14.40
CA LYS A 411 -21.29 -10.77 -14.60
C LYS A 411 -19.95 -10.26 -14.07
N PHE A 412 -19.10 -11.20 -13.67
CA PHE A 412 -17.81 -10.85 -13.08
C PHE A 412 -16.73 -11.83 -13.53
N ASP A 413 -16.75 -12.19 -14.81
CA ASP A 413 -15.87 -13.24 -15.32
C ASP A 413 -14.39 -12.95 -15.11
N LEU A 414 -13.95 -11.73 -15.42
CA LEU A 414 -12.53 -11.41 -15.30
C LEU A 414 -12.10 -11.33 -13.83
N LEU A 415 -13.00 -10.90 -12.96
CA LEU A 415 -12.71 -10.92 -11.52
C LEU A 415 -12.55 -12.36 -11.04
N ALA A 416 -13.41 -13.25 -11.51
CA ALA A 416 -13.29 -14.66 -11.13
C ALA A 416 -11.96 -15.24 -11.59
N LEU A 417 -11.53 -14.85 -12.78
CA LEU A 417 -10.24 -15.31 -13.30
C LEU A 417 -9.10 -14.72 -12.48
N GLY A 418 -9.24 -13.46 -12.05
CA GLY A 418 -8.25 -12.88 -11.17
C GLY A 418 -8.09 -13.65 -9.87
N VAL A 419 -9.22 -14.01 -9.26
CA VAL A 419 -9.19 -14.81 -8.04
C VAL A 419 -8.58 -16.18 -8.31
N ALA A 420 -8.98 -16.82 -9.41
CA ALA A 420 -8.40 -18.13 -9.78
C ALA A 420 -6.89 -18.02 -10.00
N GLY A 421 -6.46 -16.88 -10.54
CA GLY A 421 -5.04 -16.66 -10.76
C GLY A 421 -4.25 -16.63 -9.47
N TRP A 422 -4.76 -15.93 -8.46
CA TRP A 422 -4.13 -15.94 -7.15
C TRP A 422 -4.11 -17.38 -6.61
N MET A 423 -5.22 -18.09 -6.76
CA MET A 423 -5.27 -19.46 -6.25
C MET A 423 -4.24 -20.36 -6.90
N ARG A 424 -4.04 -20.19 -8.21
CA ARG A 424 -3.08 -21.00 -8.93
C ARG A 424 -1.68 -20.64 -8.47
N TYR A 425 -1.43 -19.35 -8.33
CA TYR A 425 -0.13 -18.86 -7.89
C TYR A 425 0.29 -19.41 -6.53
N VAL A 426 -0.63 -19.41 -5.58
CA VAL A 426 -0.25 -19.83 -4.23
C VAL A 426 -0.12 -21.35 -4.10
N GLY A 427 -0.43 -22.08 -5.18
CA GLY A 427 -0.15 -23.51 -5.20
C GLY A 427 1.35 -23.75 -5.07
N GLY A 428 2.14 -22.77 -5.51
CA GLY A 428 3.57 -22.77 -5.26
C GLY A 428 4.48 -23.38 -6.31
N VAL A 429 3.90 -23.91 -7.39
CA VAL A 429 4.71 -24.49 -8.46
C VAL A 429 4.28 -23.84 -9.76
N ASP A 430 5.21 -23.22 -10.49
CA ASP A 430 4.80 -22.48 -11.70
C ASP A 430 4.52 -23.42 -12.87
N GLU A 431 4.16 -22.87 -14.02
CA GLU A 431 3.71 -23.72 -15.13
C GLU A 431 4.83 -24.57 -15.72
N GLN A 432 6.08 -24.22 -15.44
CA GLN A 432 7.23 -25.02 -15.90
C GLN A 432 7.69 -26.01 -14.82
N GLY A 433 6.96 -26.08 -13.72
CA GLY A 433 7.30 -27.02 -12.65
C GLY A 433 8.36 -26.51 -11.69
N ASN A 434 8.65 -25.21 -11.76
CA ASN A 434 9.60 -24.60 -10.84
C ASN A 434 8.92 -23.92 -9.64
N PRO A 435 9.63 -23.82 -8.51
CA PRO A 435 9.02 -23.24 -7.29
C PRO A 435 8.65 -21.77 -7.46
N ILE A 436 7.55 -21.37 -6.84
CA ILE A 436 7.22 -19.97 -6.71
C ILE A 436 7.43 -19.62 -5.24
N GLU A 437 8.21 -18.57 -4.99
CA GLU A 437 8.40 -18.11 -3.62
C GLU A 437 7.22 -17.24 -3.24
N ILE A 438 6.35 -17.75 -2.36
CA ILE A 438 5.16 -17.01 -1.96
C ILE A 438 5.45 -16.16 -0.73
N SER A 439 5.24 -14.85 -0.86
CA SER A 439 5.45 -13.93 0.25
C SER A 439 4.09 -13.41 0.71
N ASP A 440 3.70 -13.76 1.92
CA ASP A 440 2.35 -13.46 2.42
C ASP A 440 2.32 -13.75 3.92
N PRO A 441 1.72 -12.86 4.73
CA PRO A 441 1.68 -13.11 6.18
C PRO A 441 0.82 -14.32 6.55
N LEU A 442 -0.08 -14.73 5.65
CA LEU A 442 -0.94 -15.89 5.91
C LEU A 442 -0.38 -17.15 5.25
N LEU A 443 0.91 -17.11 4.86
CA LEU A 443 1.54 -18.27 4.22
C LEU A 443 1.31 -19.62 4.93
N PRO A 444 1.44 -19.67 6.27
CA PRO A 444 1.19 -20.97 6.91
C PRO A 444 -0.23 -21.51 6.69
N VAL A 445 -1.22 -20.63 6.71
CA VAL A 445 -2.60 -21.01 6.46
C VAL A 445 -2.80 -21.44 5.01
N ILE A 446 -2.25 -20.65 4.09
CA ILE A 446 -2.33 -20.92 2.67
C ILE A 446 -1.67 -22.27 2.36
N GLN A 447 -0.46 -22.48 2.88
CA GLN A 447 0.25 -23.76 2.61
C GLN A 447 -0.54 -24.95 3.12
N LYS A 448 -1.15 -24.81 4.28
CA LYS A 448 -1.91 -25.90 4.86
C LYS A 448 -3.13 -26.19 3.97
N ALA A 449 -3.70 -25.14 3.38
CA ALA A 449 -4.89 -25.30 2.54
C ALA A 449 -4.52 -25.98 1.23
N VAL A 450 -3.36 -25.64 0.71
CA VAL A 450 -2.85 -26.23 -0.52
C VAL A 450 -2.46 -27.69 -0.27
N GLN A 451 -1.69 -27.94 0.78
CA GLN A 451 -1.19 -29.29 1.05
C GLN A 451 -2.31 -30.27 1.37
N SER A 452 -3.40 -29.77 1.93
CA SER A 452 -4.49 -30.65 2.35
C SER A 452 -5.52 -30.88 1.26
N SER A 453 -5.32 -30.30 0.07
CA SER A 453 -6.33 -30.42 -1.00
C SER A 453 -5.74 -30.89 -2.32
N ALA A 454 -6.47 -31.74 -3.01
CA ALA A 454 -6.05 -32.24 -4.30
C ALA A 454 -6.14 -31.10 -5.31
N GLU A 455 -5.21 -31.08 -6.26
CA GLU A 455 -5.31 -30.12 -7.36
C GLU A 455 -6.68 -30.23 -8.04
N GLY A 456 -7.16 -29.14 -8.64
CA GLY A 456 -8.46 -29.15 -9.30
C GLY A 456 -9.55 -28.55 -8.44
N THR A 457 -10.76 -29.11 -8.49
CA THR A 457 -11.89 -28.51 -7.78
C THR A 457 -11.73 -28.50 -6.25
N ALA A 458 -11.01 -29.48 -5.71
CA ALA A 458 -10.82 -29.52 -4.26
C ALA A 458 -9.98 -28.33 -3.82
N ARG A 459 -9.02 -27.95 -4.66
CA ARG A 459 -8.09 -26.89 -4.32
C ARG A 459 -8.84 -25.57 -4.20
N VAL A 460 -9.76 -25.31 -5.13
CA VAL A 460 -10.56 -24.10 -5.06
C VAL A 460 -11.34 -24.08 -3.75
N GLN A 461 -12.00 -25.18 -3.41
CA GLN A 461 -12.84 -25.25 -2.21
C GLN A 461 -11.99 -24.96 -0.98
N SER A 462 -10.78 -25.50 -0.97
CA SER A 462 -9.91 -25.38 0.19
C SER A 462 -9.43 -23.95 0.40
N LEU A 463 -9.02 -23.28 -0.68
CA LEU A 463 -8.56 -21.90 -0.55
C LEU A 463 -9.71 -20.94 -0.24
N LEU A 464 -10.87 -21.19 -0.85
CA LEU A 464 -12.09 -20.41 -0.56
C LEU A 464 -12.44 -20.44 0.93
N ALA A 465 -12.07 -21.54 1.60
CA ALA A 465 -12.41 -21.74 3.00
C ALA A 465 -11.58 -20.89 3.96
N ILE A 466 -10.62 -20.12 3.43
CA ILE A 466 -9.85 -19.22 4.28
C ILE A 466 -10.66 -17.95 4.53
N LYS A 467 -11.38 -17.94 5.65
CA LYS A 467 -12.36 -16.88 5.94
C LYS A 467 -11.73 -15.51 6.13
N ALA A 468 -10.46 -15.48 6.55
CA ALA A 468 -9.78 -14.21 6.76
C ALA A 468 -9.58 -13.45 5.45
N ILE A 469 -9.63 -14.16 4.34
CA ILE A 469 -9.52 -13.54 3.01
C ILE A 469 -10.89 -13.37 2.37
N PHE A 470 -11.65 -14.46 2.29
CA PHE A 470 -12.88 -14.48 1.51
C PHE A 470 -14.14 -14.15 2.30
N GLY A 471 -14.01 -13.98 3.61
CA GLY A 471 -15.16 -13.69 4.45
C GLY A 471 -16.02 -14.93 4.57
N ASP A 472 -17.25 -14.76 5.05
CA ASP A 472 -18.15 -15.90 5.19
C ASP A 472 -19.15 -16.03 4.06
N ASP A 473 -19.35 -14.94 3.32
CA ASP A 473 -20.37 -14.93 2.28
C ASP A 473 -19.90 -15.61 0.99
N LEU A 474 -18.70 -15.29 0.55
CA LEU A 474 -18.21 -15.86 -0.71
C LEU A 474 -18.02 -17.38 -0.68
N PRO A 475 -17.49 -17.94 0.42
CA PRO A 475 -17.45 -19.41 0.50
C PRO A 475 -18.85 -20.03 0.55
N GLY A 476 -19.85 -19.26 0.95
CA GLY A 476 -21.21 -19.77 0.97
C GLY A 476 -21.96 -19.46 -0.32
N ASN A 477 -21.25 -19.02 -1.35
CA ASN A 477 -21.88 -18.56 -2.58
C ASN A 477 -21.65 -19.51 -3.75
N SER A 478 -22.71 -20.17 -4.21
CA SER A 478 -22.53 -21.19 -5.23
C SER A 478 -22.11 -20.59 -6.58
N LEU A 479 -22.66 -19.43 -6.92
CA LEU A 479 -22.30 -18.79 -8.19
C LEU A 479 -20.82 -18.40 -8.23
N PHE A 480 -20.34 -17.78 -7.16
CA PHE A 480 -18.92 -17.40 -7.09
C PHE A 480 -18.05 -18.64 -7.18
N THR A 481 -18.45 -19.70 -6.48
CA THR A 481 -17.66 -20.93 -6.44
C THR A 481 -17.58 -21.55 -7.83
N THR A 482 -18.71 -21.58 -8.53
CA THR A 482 -18.76 -22.09 -9.89
C THR A 482 -17.87 -21.30 -10.86
N LYS A 483 -17.96 -19.98 -10.83
CA LYS A 483 -17.19 -19.15 -11.75
C LYS A 483 -15.70 -19.20 -11.48
N VAL A 484 -15.29 -19.18 -10.21
CA VAL A 484 -13.87 -19.29 -9.89
C VAL A 484 -13.35 -20.68 -10.29
N THR A 485 -14.16 -21.71 -10.04
CA THR A 485 -13.74 -23.07 -10.36
C THR A 485 -13.56 -23.23 -11.87
N GLU A 486 -14.48 -22.67 -12.64
CA GLU A 486 -14.39 -22.74 -14.10
C GLU A 486 -13.12 -22.05 -14.61
N ALA A 487 -12.85 -20.87 -14.07
CA ALA A 487 -11.61 -20.15 -14.41
C ALA A 487 -10.37 -20.93 -14.01
N TYR A 488 -10.39 -21.50 -12.81
CA TYR A 488 -9.26 -22.27 -12.31
C TYR A 488 -8.99 -23.51 -13.15
N LEU A 489 -10.04 -24.25 -13.50
CA LEU A 489 -9.82 -25.45 -14.35
C LEU A 489 -9.28 -25.07 -15.72
N SER A 490 -9.64 -23.88 -16.18
CA SER A 490 -9.09 -23.41 -17.45
C SER A 490 -7.59 -23.12 -17.31
N LEU A 491 -7.18 -22.52 -16.19
CA LEU A 491 -5.76 -22.28 -15.96
C LEU A 491 -4.99 -23.58 -15.94
N LEU A 492 -5.59 -24.61 -15.33
CA LEU A 492 -4.94 -25.92 -15.26
C LEU A 492 -4.83 -26.55 -16.64
N ALA A 493 -5.88 -26.42 -17.44
CA ALA A 493 -5.94 -27.10 -18.74
C ALA A 493 -5.20 -26.38 -19.84
N HIS A 494 -5.12 -25.05 -19.76
CA HIS A 494 -4.63 -24.25 -20.89
C HIS A 494 -3.51 -23.29 -20.51
N GLY A 495 -3.30 -23.10 -19.20
CA GLY A 495 -2.28 -22.18 -18.74
C GLY A 495 -2.82 -20.76 -18.71
N ALA A 496 -2.08 -19.85 -18.10
CA ALA A 496 -2.56 -18.50 -17.86
C ALA A 496 -2.66 -17.70 -19.15
N LYS A 497 -1.62 -17.78 -19.98
CA LYS A 497 -1.56 -16.95 -21.18
C LYS A 497 -2.77 -17.19 -22.09
N ALA A 498 -3.07 -18.47 -22.34
CA ALA A 498 -4.19 -18.82 -23.23
C ALA A 498 -5.54 -18.58 -22.55
N THR A 499 -5.56 -18.69 -21.23
CA THR A 499 -6.82 -18.48 -20.51
C THR A 499 -7.19 -16.99 -20.51
N VAL A 500 -6.20 -16.13 -20.31
CA VAL A 500 -6.46 -14.68 -20.40
C VAL A 500 -6.95 -14.33 -21.82
N ALA A 501 -6.34 -14.93 -22.84
CA ALA A 501 -6.76 -14.69 -24.23
C ALA A 501 -8.23 -15.08 -24.43
N LYS A 502 -8.62 -16.25 -23.91
CA LYS A 502 -10.00 -16.71 -23.99
C LYS A 502 -10.97 -15.76 -23.27
N TYR A 503 -10.62 -15.37 -22.05
CA TYR A 503 -11.50 -14.52 -21.25
C TYR A 503 -11.56 -13.10 -21.79
N SER A 504 -10.53 -12.70 -22.54
CA SER A 504 -10.43 -11.32 -23.03
C SER A 504 -11.44 -11.06 -24.15
N VAL A 505 -11.86 -12.12 -24.82
CA VAL A 505 -12.88 -11.99 -25.87
C VAL A 505 -14.27 -12.43 -25.37
N LYS A 506 -14.31 -12.98 -24.16
CA LYS A 506 -15.53 -13.53 -23.58
C LYS A 506 -16.43 -12.45 -23.00
C2 CS2 B . 0.74 -2.47 -6.33
C3 CS2 B . 0.60 -1.08 -5.73
O1A CS2 B . 2.37 -3.61 -5.06
C1 CS2 B . 1.15 -3.45 -5.28
O1B CS2 B . 0.27 -4.23 -4.84
O2 CS2 B . -0.53 -2.80 -6.89
O3 CS2 B . 1.75 -0.83 -4.89
C4 CS2 B . 0.49 -0.04 -6.84
O4 CS2 B . 1.80 0.21 -7.38
C5 CS2 B . 0.04 1.30 -6.27
O5 CS2 B . -0.94 1.12 -5.24
C6 CS2 B . -0.42 2.34 -7.29
O6 CS2 B . -0.52 3.59 -6.59
PA NAI C . 8.50 -0.92 0.99
O1A NAI C . 8.67 -2.42 1.12
O2A NAI C . 9.50 -0.06 0.27
O5B NAI C . 8.33 -0.32 2.47
C5B NAI C . 7.52 -1.00 3.43
C4B NAI C . 7.61 -0.24 4.75
O4B NAI C . 6.70 -0.81 5.70
C3B NAI C . 9.01 -0.37 5.34
O3B NAI C . 9.39 0.90 5.90
C2B NAI C . 8.87 -1.35 6.48
O2B NAI C . 9.77 -1.04 7.56
C1B NAI C . 7.41 -1.16 6.88
N9A NAI C . 6.80 -2.38 7.46
C8A NAI C . 6.67 -3.59 6.89
N7A NAI C . 6.02 -4.46 7.73
C5A NAI C . 5.73 -3.77 8.86
C6A NAI C . 5.07 -4.07 10.16
N6A NAI C . 4.57 -5.31 10.42
N1A NAI C . 4.98 -3.06 11.07
C2A NAI C . 5.47 -1.83 10.82
N3A NAI C . 6.09 -1.49 9.68
C4A NAI C . 6.24 -2.40 8.68
O3 NAI C . 7.03 -0.73 0.37
PN NAI C . 6.47 0.63 -0.30
O1N NAI C . 6.59 0.52 -1.80
O2N NAI C . 7.06 1.80 0.43
O5D NAI C . 4.91 0.49 0.06
C5D NAI C . 4.46 0.61 1.42
C4D NAI C . 2.95 0.83 1.42
O4D NAI C . 2.64 2.05 0.73
C3D NAI C . 2.19 -0.25 0.63
O3D NAI C . 1.91 -1.43 1.40
C2D NAI C . 0.93 0.48 0.24
O2D NAI C . -0.01 0.40 1.34
C1D NAI C . 1.38 1.91 0.05
N1N NAI C . 1.51 2.24 -1.39
C2N NAI C . 2.53 1.77 -2.15
C3N NAI C . 2.64 2.08 -3.51
C7N NAI C . 3.77 1.59 -4.41
O7N NAI C . 4.77 1.08 -3.91
N7N NAI C . 3.66 1.74 -5.75
C4N NAI C . 1.61 2.97 -4.14
C5N NAI C . 0.55 3.38 -3.24
C6N NAI C . 0.56 3.01 -1.91
S SO4 D . 11.18 -12.55 -10.86
O1 SO4 D . 12.34 -13.26 -11.37
O2 SO4 D . 10.95 -12.93 -9.46
O3 SO4 D . 11.42 -11.11 -10.94
O4 SO4 D . 10.00 -12.93 -11.65
#